data_2H32
#
_entry.id   2H32
#
_cell.length_a   71.502
_cell.length_b   71.502
_cell.length_c   217.932
_cell.angle_alpha   90.00
_cell.angle_beta   90.00
_cell.angle_gamma   90.00
#
_symmetry.space_group_name_H-M   'P 43 21 2'
#
loop_
_entity.id
_entity.type
_entity.pdbx_description
1 polymer 'Immunoglobulin iota chain'
2 polymer 'Immunoglobulin omega chain'
3 polymer 'Immunoglobulin heavy chain'
4 non-polymer 'ZINC ION'
5 water water
#
loop_
_entity_poly.entity_id
_entity_poly.type
_entity_poly.pdbx_seq_one_letter_code
_entity_poly.pdbx_strand_id
1 'polypeptide(L)'
;QPVLHQPPAMSSALGTTIRLTCTLRNDHDIGVYSVYWYQQRPGHPPRFLLRYFSQSDKSQGPQVPPRFSGSKDVARNRGY
LSISELQPEDEAMYYCAMGARSSEKEEREREWEEEMEPTAARTRVP
;
A
2 'polypeptide(L)'
;SVTHVFGSGTQLTVLSQPKATPSVTLFPPSSEELQANKATLVCLMNDFYPGILTVTWKADGTPITQGVEMTTPSKQSNNK
YAASSYLSLTPEQWRSRRSYSCQVMHEGSTVEKTVAPAECS
;
B
3 'polypeptide(L)'
;EVQLVQSGAEVKKPGESLKISCKGSGYSFTSYWIGWVRQMPGKGLEWMGIIYPGDSDTRYSPSFQGQVTISADKSISTAY
LQWSSLKASDTAMYYCARHYYYYYGMDVWGQGTTVTVSSWSASAPTLFPLVSCENSPSDTSSVAVGCLAQDFLPDSITFS
WKYKNNSDISSTRGFPSVLRGGKYAATSQVLLPSKDVMQGTDEHVVCKVQHPNGNKEKNVPLP
;
H
#
# COMPACT_ATOMS: atom_id res chain seq x y z
N GLN A 1 22.21 -10.05 -1.89
CA GLN A 1 21.23 -10.98 -2.54
C GLN A 1 20.41 -11.75 -1.49
N PRO A 2 19.07 -11.54 -1.46
CA PRO A 2 18.24 -12.14 -0.41
C PRO A 2 18.03 -13.61 -0.69
N VAL A 3 17.35 -14.30 0.21
CA VAL A 3 17.07 -15.72 0.04
C VAL A 3 16.10 -15.96 -1.12
N LEU A 4 15.15 -15.04 -1.30
CA LEU A 4 14.15 -15.12 -2.35
C LEU A 4 14.20 -13.87 -3.20
N HIS A 5 14.26 -14.04 -4.53
CA HIS A 5 14.27 -12.88 -5.44
C HIS A 5 13.09 -12.90 -6.41
N GLN A 6 12.37 -11.77 -6.44
CA GLN A 6 11.32 -11.54 -7.43
C GLN A 6 11.55 -10.21 -8.18
N PRO A 7 11.36 -10.22 -9.53
CA PRO A 7 11.50 -8.95 -10.21
C PRO A 7 10.36 -8.11 -9.69
N PRO A 8 10.60 -6.83 -9.38
CA PRO A 8 9.59 -5.94 -8.77
C PRO A 8 8.36 -5.70 -9.62
N ALA A 9 8.51 -5.74 -10.95
CA ALA A 9 7.44 -5.31 -11.86
C ALA A 9 7.33 -6.17 -13.12
N MET A 10 6.10 -6.29 -13.63
CA MET A 10 5.84 -6.98 -14.90
C MET A 10 4.51 -6.56 -15.56
N SER A 11 4.47 -6.66 -16.88
CA SER A 11 3.30 -6.28 -17.68
C SER A 11 3.04 -7.34 -18.73
N SER A 12 1.84 -7.32 -19.29
CA SER A 12 1.44 -8.25 -20.36
C SER A 12 0.00 -8.00 -20.76
N ALA A 13 -0.34 -8.42 -21.97
CA ALA A 13 -1.68 -8.15 -22.51
C ALA A 13 -2.73 -9.15 -22.07
N LEU A 14 -3.98 -8.71 -22.08
CA LEU A 14 -5.08 -9.58 -21.71
C LEU A 14 -5.09 -10.77 -22.64
N GLY A 15 -5.64 -11.88 -22.16
CA GLY A 15 -5.75 -13.06 -23.00
C GLY A 15 -4.44 -13.81 -23.02
N THR A 16 -3.38 -13.15 -22.56
CA THR A 16 -2.03 -13.75 -22.58
C THR A 16 -1.67 -14.56 -21.32
N THR A 17 -0.47 -15.13 -21.38
CA THR A 17 0.04 -15.98 -20.34
C THR A 17 1.38 -15.41 -19.96
N ILE A 18 1.54 -15.05 -18.69
CA ILE A 18 2.88 -14.72 -18.17
C ILE A 18 3.32 -15.72 -17.14
N ARG A 19 4.63 -15.67 -16.88
CA ARG A 19 5.29 -16.53 -15.94
C ARG A 19 6.01 -15.62 -14.95
N LEU A 20 5.67 -15.79 -13.66
CA LEU A 20 6.34 -15.04 -12.62
C LEU A 20 7.49 -15.85 -12.01
N THR A 21 8.53 -15.17 -11.58
CA THR A 21 9.71 -15.89 -11.19
C THR A 21 10.10 -15.64 -9.76
N CYS A 22 10.29 -16.72 -9.02
CA CYS A 22 10.76 -16.67 -7.65
C CYS A 22 12.04 -17.47 -7.65
N THR A 23 13.17 -16.79 -7.46
CA THR A 23 14.46 -17.47 -7.44
C THR A 23 15.04 -17.60 -6.04
N LEU A 24 15.29 -18.85 -5.66
CA LEU A 24 15.87 -19.16 -4.36
C LEU A 24 17.36 -19.00 -4.42
N ARG A 25 17.92 -18.29 -3.45
CA ARG A 25 19.35 -18.08 -3.45
C ARG A 25 20.08 -19.45 -3.50
N ASN A 26 21.25 -19.48 -4.15
CA ASN A 26 21.97 -20.74 -4.37
C ASN A 26 22.53 -21.42 -3.12
N ASP A 27 22.46 -20.76 -1.97
CA ASP A 27 22.87 -21.40 -0.72
C ASP A 27 21.91 -22.52 -0.37
N HIS A 28 20.78 -22.57 -1.08
CA HIS A 28 19.82 -23.65 -0.91
C HIS A 28 19.45 -24.28 -2.24
N ASP A 29 18.99 -25.54 -2.18
CA ASP A 29 18.58 -26.30 -3.36
C ASP A 29 17.05 -26.47 -3.42
N ILE A 30 16.45 -25.90 -4.46
CA ILE A 30 14.99 -25.92 -4.60
C ILE A 30 14.39 -27.31 -4.72
N GLY A 31 15.22 -28.27 -5.12
CA GLY A 31 14.82 -29.67 -5.18
C GLY A 31 14.11 -30.20 -3.93
N VAL A 32 14.30 -29.52 -2.79
CA VAL A 32 13.65 -29.96 -1.55
C VAL A 32 12.55 -29.04 -1.01
N TYR A 33 12.52 -27.80 -1.50
CA TYR A 33 11.53 -26.84 -1.06
C TYR A 33 10.27 -26.88 -1.95
N SER A 34 9.20 -26.32 -1.43
CA SER A 34 7.96 -26.23 -2.14
C SER A 34 7.82 -24.75 -2.37
N VAL A 35 7.27 -24.36 -3.53
CA VAL A 35 7.01 -22.96 -3.81
C VAL A 35 5.55 -22.60 -3.56
N TYR A 36 5.32 -21.51 -2.82
CA TYR A 36 3.96 -21.02 -2.52
C TYR A 36 3.76 -19.64 -3.11
N TRP A 37 2.54 -19.34 -3.56
CA TRP A 37 2.25 -18.04 -4.15
C TRP A 37 1.00 -17.45 -3.53
N TYR A 38 1.07 -16.14 -3.32
CA TYR A 38 -0.03 -15.39 -2.77
C TYR A 38 -0.30 -14.21 -3.69
N GLN A 39 -1.56 -13.82 -3.79
CA GLN A 39 -1.97 -12.71 -4.61
C GLN A 39 -2.54 -11.62 -3.71
N GLN A 40 -2.38 -10.36 -4.08
CA GLN A 40 -2.94 -9.32 -3.25
C GLN A 40 -3.25 -8.10 -4.06
N ARG A 41 -4.53 -7.89 -4.33
CA ARG A 41 -4.94 -6.72 -5.11
C ARG A 41 -4.84 -5.44 -4.23
N PRO A 42 -4.69 -4.26 -4.84
CA PRO A 42 -4.59 -3.05 -4.01
C PRO A 42 -5.73 -2.99 -3.00
N GLY A 43 -5.40 -2.71 -1.74
CA GLY A 43 -6.42 -2.52 -0.72
C GLY A 43 -7.09 -3.78 -0.17
N HIS A 44 -6.69 -4.95 -0.68
CA HIS A 44 -7.24 -6.25 -0.25
C HIS A 44 -6.24 -7.05 0.60
N PRO A 45 -6.70 -8.10 1.30
CA PRO A 45 -5.79 -9.03 2.00
C PRO A 45 -5.21 -10.09 1.07
N PRO A 46 -3.99 -10.57 1.39
CA PRO A 46 -3.43 -11.61 0.55
C PRO A 46 -4.37 -12.79 0.51
N ARG A 47 -4.23 -13.60 -0.55
CA ARG A 47 -4.99 -14.83 -0.71
C ARG A 47 -4.06 -15.86 -1.30
N PHE A 48 -4.07 -17.05 -0.71
CA PHE A 48 -3.23 -18.14 -1.12
C PHE A 48 -3.67 -18.69 -2.48
N LEU A 49 -2.80 -18.53 -3.48
CA LEU A 49 -3.06 -19.06 -4.82
C LEU A 49 -2.83 -20.56 -4.89
N LEU A 50 -1.58 -21.00 -4.71
CA LEU A 50 -1.20 -22.42 -4.86
C LEU A 50 0.16 -22.82 -4.32
N ARG A 51 0.32 -24.12 -4.17
CA ARG A 51 1.53 -24.75 -3.69
C ARG A 51 1.95 -25.76 -4.74
N TYR A 52 3.26 -25.79 -5.05
CA TYR A 52 3.81 -26.74 -6.04
C TYR A 52 5.15 -27.36 -5.58
N PHE A 53 5.20 -28.69 -5.52
CA PHE A 53 6.47 -29.36 -5.33
C PHE A 53 6.93 -30.11 -6.57
N SER A 54 5.97 -30.72 -7.27
CA SER A 54 6.21 -31.44 -8.53
C SER A 54 4.83 -31.70 -9.13
N GLN A 55 4.78 -32.27 -10.33
CA GLN A 55 3.48 -32.52 -10.92
C GLN A 55 2.62 -33.39 -10.01
N SER A 56 3.27 -34.26 -9.25
CA SER A 56 2.58 -35.20 -8.36
C SER A 56 2.45 -34.70 -6.92
N ASP A 57 2.86 -33.45 -6.67
CA ASP A 57 2.80 -32.90 -5.32
C ASP A 57 2.47 -31.42 -5.34
N LYS A 58 1.17 -31.12 -5.41
CA LYS A 58 0.70 -29.74 -5.52
C LYS A 58 -0.70 -29.55 -4.95
N SER A 59 -1.05 -28.31 -4.70
CA SER A 59 -2.36 -28.01 -4.18
C SER A 59 -2.74 -26.61 -4.58
N GLN A 60 -4.00 -26.48 -5.05
CA GLN A 60 -4.63 -25.22 -5.42
C GLN A 60 -5.34 -24.65 -4.21
N GLY A 61 -5.25 -23.32 -4.05
CA GLY A 61 -5.99 -22.57 -3.02
C GLY A 61 -7.51 -22.76 -3.04
N PRO A 62 -8.21 -22.31 -1.96
CA PRO A 62 -9.66 -22.38 -1.82
C PRO A 62 -10.43 -22.44 -3.15
N GLN A 63 -10.62 -21.31 -3.83
CA GLN A 63 -11.30 -21.37 -5.12
C GLN A 63 -10.53 -20.59 -6.18
N VAL A 64 -9.34 -21.11 -6.47
CA VAL A 64 -8.43 -20.52 -7.42
C VAL A 64 -8.56 -21.28 -8.72
N PRO A 65 -8.83 -20.55 -9.81
CA PRO A 65 -8.91 -21.13 -11.15
C PRO A 65 -7.63 -21.85 -11.62
N PRO A 66 -7.79 -22.93 -12.42
CA PRO A 66 -6.73 -23.70 -13.07
C PRO A 66 -5.83 -22.89 -14.00
N ARG A 67 -6.24 -21.67 -14.36
CA ARG A 67 -5.40 -20.85 -15.22
C ARG A 67 -4.16 -20.32 -14.47
N PHE A 68 -4.12 -20.57 -13.15
CA PHE A 68 -2.96 -20.32 -12.32
C PHE A 68 -2.30 -21.66 -12.10
N SER A 69 -1.06 -21.78 -12.53
CA SER A 69 -0.34 -23.04 -12.36
C SER A 69 1.07 -22.81 -11.94
N GLY A 70 1.59 -23.76 -11.21
CA GLY A 70 2.95 -23.69 -10.72
C GLY A 70 3.83 -24.72 -11.37
N SER A 71 5.12 -24.37 -11.47
CA SER A 71 6.14 -25.28 -11.99
C SER A 71 7.47 -24.94 -11.30
N LYS A 72 8.45 -25.82 -11.44
CA LYS A 72 9.73 -25.63 -10.76
C LYS A 72 10.84 -25.85 -11.73
N ASP A 73 11.81 -24.96 -11.71
CA ASP A 73 13.00 -25.13 -12.54
C ASP A 73 14.13 -25.49 -11.59
N VAL A 74 14.26 -26.78 -11.31
CA VAL A 74 15.23 -27.27 -10.34
C VAL A 74 16.62 -26.81 -10.71
N ALA A 75 17.00 -27.09 -11.95
CA ALA A 75 18.31 -26.72 -12.47
C ALA A 75 18.62 -25.22 -12.30
N ARG A 76 17.60 -24.38 -12.30
CA ARG A 76 17.88 -22.96 -12.21
C ARG A 76 17.48 -22.38 -10.86
N ASN A 77 17.14 -23.26 -9.91
CA ASN A 77 16.70 -22.86 -8.59
C ASN A 77 15.52 -21.85 -8.74
N ARG A 78 14.54 -22.21 -9.57
CA ARG A 78 13.43 -21.30 -9.84
C ARG A 78 12.04 -21.89 -9.61
N GLY A 79 11.21 -21.08 -8.94
CA GLY A 79 9.79 -21.37 -8.82
C GLY A 79 9.01 -20.46 -9.76
N TYR A 80 8.00 -21.03 -10.42
CA TYR A 80 7.22 -20.25 -11.37
C TYR A 80 5.71 -20.24 -11.10
N LEU A 81 5.11 -19.07 -11.35
CA LEU A 81 3.66 -18.90 -11.36
C LEU A 81 3.22 -18.52 -12.77
N SER A 82 2.52 -19.42 -13.44
CA SER A 82 2.06 -19.17 -14.77
C SER A 82 0.61 -18.79 -14.67
N ILE A 83 0.24 -17.70 -15.33
CA ILE A 83 -1.14 -17.26 -15.35
C ILE A 83 -1.56 -17.08 -16.80
N SER A 84 -2.42 -17.96 -17.31
CA SER A 84 -2.94 -17.87 -18.67
C SER A 84 -4.23 -17.08 -18.70
N GLU A 85 -4.61 -16.60 -19.88
CA GLU A 85 -5.85 -15.83 -20.08
C GLU A 85 -5.88 -14.59 -19.22
N LEU A 86 -4.75 -13.90 -19.16
CA LEU A 86 -4.60 -12.71 -18.33
C LEU A 86 -5.84 -11.82 -18.32
N GLN A 87 -6.33 -11.53 -17.12
CA GLN A 87 -7.54 -10.71 -16.96
C GLN A 87 -7.30 -9.52 -16.05
N PRO A 88 -8.10 -8.46 -16.19
CA PRO A 88 -7.95 -7.23 -15.37
C PRO A 88 -7.90 -7.45 -13.86
N GLU A 89 -8.47 -8.55 -13.40
CA GLU A 89 -8.50 -8.90 -11.98
C GLU A 89 -7.27 -9.68 -11.53
N ASP A 90 -6.34 -9.93 -12.46
CA ASP A 90 -5.07 -10.59 -12.19
C ASP A 90 -4.07 -9.54 -11.88
N GLU A 91 -4.49 -8.29 -11.97
CA GLU A 91 -3.62 -7.16 -11.68
C GLU A 91 -3.42 -7.01 -10.17
N ALA A 92 -2.26 -7.40 -9.66
CA ALA A 92 -2.01 -7.39 -8.22
C ALA A 92 -0.53 -7.53 -7.90
N MET A 93 -0.23 -7.56 -6.59
CA MET A 93 1.10 -7.92 -6.08
C MET A 93 1.13 -9.38 -5.81
N TYR A 94 2.14 -10.06 -6.34
CA TYR A 94 2.28 -11.49 -6.14
C TYR A 94 3.51 -11.78 -5.29
N TYR A 95 3.31 -12.45 -4.15
CA TYR A 95 4.38 -12.82 -3.25
C TYR A 95 4.63 -14.30 -3.25
N CYS A 96 5.91 -14.67 -3.17
CA CYS A 96 6.28 -16.06 -3.10
C CYS A 96 6.86 -16.40 -1.75
N ALA A 97 6.83 -17.68 -1.44
CA ALA A 97 7.40 -18.15 -0.19
C ALA A 97 7.91 -19.53 -0.51
N MET A 98 8.61 -20.16 0.43
CA MET A 98 9.20 -21.49 0.18
C MET A 98 9.34 -22.27 1.44
N GLY A 99 8.81 -23.49 1.43
CA GLY A 99 8.80 -24.34 2.64
C GLY A 99 9.39 -25.71 2.38
N ALA A 100 10.40 -26.03 3.18
CA ALA A 100 11.13 -27.31 3.05
C ALA A 100 10.38 -28.52 3.64
N ARG A 101 9.67 -28.30 4.76
CA ARG A 101 8.95 -29.37 5.45
C ARG A 101 9.91 -30.33 6.18
N SER A 102 11.19 -29.92 6.27
CA SER A 102 12.25 -30.72 6.87
C SER A 102 13.22 -29.76 7.54
N SER A 103 12.65 -28.85 8.33
CA SER A 103 13.38 -27.88 9.11
C SER A 103 13.26 -28.29 10.57
N GLU A 104 14.40 -28.45 11.27
CA GLU A 104 14.41 -29.04 12.64
C GLU A 104 15.42 -28.41 13.64
N LYS A 105 16.19 -29.32 14.28
CA LYS A 105 17.29 -29.03 15.24
C LYS A 105 16.80 -28.25 16.46
N GLU A 106 17.59 -27.25 16.89
CA GLU A 106 17.22 -26.28 17.94
C GLU A 106 17.12 -26.94 19.32
N GLU A 107 17.70 -28.13 19.46
CA GLU A 107 17.94 -28.74 20.77
C GLU A 107 19.22 -28.16 21.43
N ARG A 108 19.61 -26.98 20.97
CA ARG A 108 20.71 -26.24 21.57
C ARG A 108 20.17 -25.24 22.60
N GLU A 109 19.02 -25.60 23.24
CA GLU A 109 18.44 -24.80 24.32
C GLU A 109 17.94 -25.68 25.48
N ARG A 110 18.29 -26.97 25.37
CA ARG A 110 17.88 -28.00 26.33
C ARG A 110 18.92 -29.12 26.42
N GLU A 111 20.20 -28.79 26.22
CA GLU A 111 21.35 -29.72 26.25
C GLU A 111 21.31 -31.02 25.35
N SER B 1 16.24 -17.11 5.85
CA SER B 1 16.75 -18.42 5.32
C SER B 1 15.55 -19.31 5.03
N VAL B 2 14.79 -18.91 4.01
CA VAL B 2 13.48 -19.52 3.66
C VAL B 2 12.66 -19.74 4.93
N THR B 3 11.80 -20.75 4.95
CA THR B 3 10.95 -20.97 6.10
C THR B 3 10.46 -19.62 6.72
N HIS B 4 9.25 -19.20 6.34
CA HIS B 4 8.60 -18.01 6.92
C HIS B 4 9.04 -16.65 6.35
N VAL B 5 9.48 -16.66 5.11
CA VAL B 5 9.95 -15.44 4.49
C VAL B 5 9.12 -15.23 3.27
N PHE B 6 8.64 -14.00 3.10
CA PHE B 6 7.87 -13.64 1.91
C PHE B 6 8.77 -12.89 1.00
N GLY B 7 8.74 -13.25 -0.27
CA GLY B 7 9.49 -12.49 -1.27
C GLY B 7 9.07 -11.03 -1.19
N SER B 8 9.76 -10.19 -1.96
CA SER B 8 9.47 -8.77 -2.04
C SER B 8 8.26 -8.59 -2.96
N GLY B 9 8.05 -9.56 -3.85
CA GLY B 9 6.84 -9.58 -4.65
C GLY B 9 6.98 -8.86 -5.97
N THR B 10 6.25 -9.37 -6.97
CA THR B 10 6.22 -8.83 -8.32
C THR B 10 4.91 -8.12 -8.49
N GLN B 11 4.98 -6.86 -8.90
CA GLN B 11 3.76 -6.09 -9.23
C GLN B 11 3.34 -6.38 -10.66
N LEU B 12 2.31 -7.21 -10.82
CA LEU B 12 1.89 -7.58 -12.16
C LEU B 12 0.82 -6.64 -12.67
N THR B 13 1.14 -5.97 -13.78
CA THR B 13 0.28 -4.99 -14.45
C THR B 13 -0.37 -5.64 -15.66
N VAL B 14 -1.68 -5.54 -15.79
CA VAL B 14 -2.34 -6.09 -16.98
C VAL B 14 -2.68 -4.97 -17.97
N LEU B 15 -2.07 -5.04 -19.15
CA LEU B 15 -2.23 -4.01 -20.19
C LEU B 15 -3.50 -4.18 -20.99
N SER B 16 -4.51 -3.39 -20.68
CA SER B 16 -5.84 -3.56 -21.27
C SER B 16 -6.37 -2.33 -22.02
N GLN B 17 -5.51 -1.34 -22.25
CA GLN B 17 -5.91 -0.03 -22.76
C GLN B 17 -4.72 0.57 -23.48
N PRO B 18 -4.97 1.42 -24.50
CA PRO B 18 -3.85 2.10 -25.17
C PRO B 18 -3.01 2.99 -24.25
N LYS B 19 -1.69 2.84 -24.37
CA LYS B 19 -0.70 3.75 -23.78
C LYS B 19 -1.15 5.21 -23.81
N ALA B 20 -0.92 5.92 -22.71
CA ALA B 20 -1.28 7.35 -22.62
C ALA B 20 -0.31 8.10 -21.75
N THR B 21 0.04 9.30 -22.18
CA THR B 21 0.93 10.16 -21.43
C THR B 21 0.12 10.97 -20.40
N PRO B 22 0.68 11.15 -19.19
CA PRO B 22 0.00 11.91 -18.13
C PRO B 22 -0.17 13.41 -18.36
N SER B 23 -1.29 13.94 -17.88
CA SER B 23 -1.51 15.38 -17.86
C SER B 23 -1.07 15.86 -16.47
N VAL B 24 0.21 16.27 -16.41
CA VAL B 24 0.87 16.73 -15.19
C VAL B 24 0.54 18.21 -14.89
N THR B 25 0.54 18.54 -13.59
CA THR B 25 0.28 19.90 -13.09
C THR B 25 1.16 20.20 -11.87
N LEU B 26 1.57 21.46 -11.71
CA LEU B 26 2.32 21.88 -10.52
C LEU B 26 1.66 23.07 -9.85
N PHE B 27 1.52 23.00 -8.53
CA PHE B 27 0.94 24.09 -7.75
C PHE B 27 1.89 24.56 -6.66
N PRO B 28 2.32 25.83 -6.72
CA PRO B 28 3.13 26.46 -5.69
C PRO B 28 2.39 26.59 -4.35
N PRO B 29 3.13 26.89 -3.26
CA PRO B 29 2.56 27.06 -1.93
C PRO B 29 1.41 28.06 -1.92
N SER B 30 0.44 27.82 -1.04
CA SER B 30 -0.71 28.71 -0.93
C SER B 30 -0.45 29.85 0.06
N SER B 31 -1.37 30.81 0.08
CA SER B 31 -1.43 31.78 1.18
C SER B 31 -2.08 31.06 2.37
N GLU B 32 -2.17 31.74 3.52
CA GLU B 32 -2.58 31.11 4.79
C GLU B 32 -1.48 30.13 5.27
N GLU B 33 -0.64 29.74 4.30
CA GLU B 33 0.40 28.72 4.50
C GLU B 33 1.79 29.34 4.34
N LEU B 34 1.93 30.14 3.29
CA LEU B 34 3.19 30.84 3.00
C LEU B 34 3.52 31.82 4.13
N GLN B 35 2.52 32.64 4.51
CA GLN B 35 2.64 33.57 5.63
C GLN B 35 2.44 32.85 6.98
N ALA B 36 2.50 31.51 6.90
CA ALA B 36 2.53 30.68 8.12
C ALA B 36 3.87 29.94 8.15
N ASN B 37 4.85 30.55 7.50
CA ASN B 37 6.23 30.04 7.44
C ASN B 37 6.33 28.56 7.13
N LYS B 38 5.63 28.13 6.08
CA LYS B 38 5.67 26.76 5.63
C LYS B 38 5.35 26.67 4.13
N ALA B 39 6.25 26.00 3.39
CA ALA B 39 6.06 25.81 1.94
C ALA B 39 5.73 24.35 1.62
N THR B 40 4.93 24.14 0.57
CA THR B 40 4.52 22.79 0.14
C THR B 40 4.09 22.78 -1.34
N LEU B 41 4.88 22.06 -2.15
CA LEU B 41 4.62 21.93 -3.59
C LEU B 41 3.75 20.72 -3.93
N VAL B 42 2.72 20.96 -4.74
CA VAL B 42 1.80 19.88 -5.11
C VAL B 42 1.89 19.60 -6.61
N CYS B 43 2.04 18.33 -6.94
CA CYS B 43 2.14 17.92 -8.33
C CYS B 43 1.21 16.75 -8.62
N LEU B 44 0.19 17.01 -9.43
CA LEU B 44 -0.84 16.02 -9.71
C LEU B 44 -0.63 15.48 -11.08
N MET B 45 -0.65 14.16 -11.19
CA MET B 45 -0.37 13.51 -12.44
C MET B 45 -1.49 12.53 -12.70
N ASN B 46 -2.50 12.97 -13.45
CA ASN B 46 -3.60 12.07 -13.72
C ASN B 46 -3.85 11.81 -15.20
N ASP B 47 -4.75 10.86 -15.44
CA ASP B 47 -5.12 10.40 -16.76
C ASP B 47 -3.96 9.81 -17.56
N PHE B 48 -3.26 8.85 -16.98
CA PHE B 48 -2.23 8.12 -17.75
C PHE B 48 -2.46 6.61 -17.83
N TYR B 49 -1.65 5.93 -18.63
CA TYR B 49 -1.70 4.49 -18.71
C TYR B 49 -0.45 4.02 -19.46
N PRO B 50 0.21 2.95 -18.97
CA PRO B 50 -0.07 2.16 -17.76
C PRO B 50 0.14 3.01 -16.51
N GLY B 51 -0.37 2.52 -15.38
CA GLY B 51 -0.16 3.18 -14.10
C GLY B 51 1.23 2.93 -13.54
N ILE B 52 2.25 3.20 -14.35
CA ILE B 52 3.64 3.14 -13.89
C ILE B 52 4.35 4.42 -14.24
N LEU B 53 4.92 5.07 -13.22
CA LEU B 53 5.67 6.30 -13.44
C LEU B 53 6.58 6.64 -12.28
N THR B 54 7.54 7.52 -12.56
CA THR B 54 8.47 7.99 -11.53
C THR B 54 8.63 9.52 -11.60
N VAL B 55 8.68 10.14 -10.42
CA VAL B 55 8.83 11.60 -10.30
C VAL B 55 10.24 11.96 -9.79
N THR B 56 10.86 12.94 -10.45
CA THR B 56 12.14 13.47 -10.03
C THR B 56 11.99 14.98 -9.96
N TRP B 57 11.91 15.51 -8.74
CA TRP B 57 11.92 16.95 -8.52
C TRP B 57 13.33 17.47 -8.77
N LYS B 58 13.44 18.71 -9.21
CA LYS B 58 14.74 19.31 -9.51
C LYS B 58 14.68 20.83 -9.45
N ALA B 59 15.24 21.40 -8.36
CA ALA B 59 15.30 22.86 -8.21
C ALA B 59 16.54 23.42 -8.91
N ASP B 60 16.33 24.42 -9.76
CA ASP B 60 17.39 24.99 -10.61
C ASP B 60 18.23 23.88 -11.26
N GLY B 61 17.53 22.89 -11.82
CA GLY B 61 18.20 21.72 -12.41
C GLY B 61 18.56 20.65 -11.39
N THR B 62 19.21 21.07 -10.29
CA THR B 62 19.70 20.14 -9.26
C THR B 62 18.57 19.42 -8.54
N PRO B 63 18.64 18.08 -8.48
CA PRO B 63 17.65 17.23 -7.80
C PRO B 63 17.32 17.64 -6.36
N ILE B 64 16.20 17.05 -5.86
CA ILE B 64 15.76 17.27 -4.47
C ILE B 64 15.32 15.92 -3.92
N THR B 65 16.03 15.45 -2.89
CA THR B 65 15.75 14.17 -2.23
C THR B 65 15.38 14.39 -0.75
N GLN B 66 14.92 15.60 -0.43
CA GLN B 66 14.56 15.96 0.94
C GLN B 66 13.10 16.35 1.04
N GLY B 67 12.34 15.60 1.84
CA GLY B 67 10.91 15.86 2.02
C GLY B 67 10.13 15.69 0.74
N VAL B 68 10.45 14.62 0.01
CA VAL B 68 9.74 14.24 -1.21
C VAL B 68 8.79 13.07 -0.90
N GLU B 69 7.51 13.40 -0.70
CA GLU B 69 6.48 12.40 -0.46
C GLU B 69 5.64 12.20 -1.73
N MET B 70 5.37 10.93 -2.07
CA MET B 70 4.59 10.59 -3.26
C MET B 70 3.56 9.50 -2.98
N THR B 71 2.34 9.71 -3.49
CA THR B 71 1.29 8.69 -3.45
C THR B 71 1.55 7.59 -4.49
N THR B 72 0.69 6.57 -4.48
CA THR B 72 0.81 5.48 -5.44
C THR B 72 -0.23 5.67 -6.54
N PRO B 73 0.14 5.34 -7.81
CA PRO B 73 -0.82 5.50 -8.92
C PRO B 73 -2.13 4.73 -8.69
N SER B 74 -3.18 5.45 -8.33
CA SER B 74 -4.50 4.86 -8.13
C SER B 74 -5.29 4.91 -9.41
N LYS B 75 -6.16 3.92 -9.60
CA LYS B 75 -6.98 3.86 -10.79
C LYS B 75 -8.25 4.68 -10.57
N GLN B 76 -8.55 5.56 -11.52
CA GLN B 76 -9.77 6.36 -11.51
C GLN B 76 -10.92 5.59 -12.17
N SER B 77 -12.13 6.14 -12.12
CA SER B 77 -13.31 5.49 -12.69
C SER B 77 -13.16 5.27 -14.20
N ASN B 78 -12.84 6.34 -14.92
CA ASN B 78 -12.62 6.27 -16.38
C ASN B 78 -11.53 5.26 -16.78
N ASN B 79 -10.85 4.73 -15.79
CA ASN B 79 -9.86 3.66 -15.96
C ASN B 79 -8.43 4.15 -16.28
N LYS B 80 -8.16 5.41 -15.95
CA LYS B 80 -6.83 5.97 -16.09
C LYS B 80 -6.24 6.23 -14.71
N TYR B 81 -4.95 5.95 -14.57
CA TYR B 81 -4.28 6.10 -13.29
C TYR B 81 -4.00 7.56 -12.98
N ALA B 82 -4.08 7.91 -11.69
CA ALA B 82 -3.74 9.26 -11.19
C ALA B 82 -2.68 9.15 -10.10
N ALA B 83 -2.05 10.28 -9.78
CA ALA B 83 -0.97 10.32 -8.80
C ALA B 83 -0.81 11.72 -8.18
N SER B 84 -0.07 11.77 -7.07
CA SER B 84 0.19 13.03 -6.38
C SER B 84 1.56 13.00 -5.74
N SER B 85 2.22 14.16 -5.74
CA SER B 85 3.56 14.31 -5.16
C SER B 85 3.68 15.65 -4.43
N TYR B 86 4.15 15.63 -3.19
CA TYR B 86 4.27 16.86 -2.42
C TYR B 86 5.73 17.13 -2.10
N LEU B 87 6.10 18.41 -2.06
CA LEU B 87 7.47 18.82 -1.73
C LEU B 87 7.42 19.87 -0.62
N SER B 88 8.09 19.57 0.49
CA SER B 88 8.09 20.47 1.65
C SER B 88 9.36 21.32 1.66
N LEU B 89 9.19 22.59 2.03
CA LEU B 89 10.28 23.56 2.09
C LEU B 89 9.91 24.73 3.02
N THR B 90 10.83 25.70 3.14
CA THR B 90 10.58 26.93 3.87
C THR B 90 10.35 28.08 2.89
N PRO B 91 9.44 29.02 3.22
CA PRO B 91 9.19 30.21 2.40
C PRO B 91 10.45 31.03 2.10
N GLU B 92 11.53 30.77 2.85
CA GLU B 92 12.83 31.38 2.56
C GLU B 92 13.48 30.69 1.37
N GLN B 93 13.35 29.36 1.30
CA GLN B 93 13.84 28.53 0.18
C GLN B 93 12.98 28.67 -1.07
N TRP B 94 11.68 28.91 -0.85
CA TRP B 94 10.70 29.07 -1.92
C TRP B 94 11.04 30.27 -2.83
N ARG B 95 11.30 31.43 -2.23
CA ARG B 95 11.65 32.62 -3.00
C ARG B 95 13.17 32.71 -3.30
N SER B 96 13.98 31.98 -2.53
CA SER B 96 15.46 32.03 -2.62
C SER B 96 15.98 31.74 -4.02
N ARG B 97 15.71 30.53 -4.50
CA ARG B 97 16.04 30.12 -5.85
C ARG B 97 15.02 30.69 -6.79
N ARG B 98 14.66 29.96 -7.84
CA ARG B 98 13.75 30.48 -8.86
C ARG B 98 12.98 29.35 -9.55
N SER B 99 13.66 28.21 -9.72
CA SER B 99 13.10 27.09 -10.49
C SER B 99 12.67 25.94 -9.59
N TYR B 100 11.55 25.30 -9.98
CA TYR B 100 11.06 24.10 -9.31
C TYR B 100 10.34 23.23 -10.33
N SER B 101 10.83 22.00 -10.53
CA SER B 101 10.28 21.14 -11.57
C SER B 101 9.70 19.84 -11.05
N CYS B 102 8.72 19.32 -11.78
CA CYS B 102 8.10 18.03 -11.49
C CYS B 102 8.30 17.13 -12.70
N GLN B 103 9.55 16.77 -12.92
CA GLN B 103 9.92 15.88 -14.01
C GLN B 103 9.29 14.50 -13.82
N VAL B 104 8.23 14.25 -14.60
CA VAL B 104 7.52 12.97 -14.62
C VAL B 104 8.03 12.12 -15.75
N MET B 105 8.30 10.85 -15.48
CA MET B 105 8.72 9.93 -16.52
C MET B 105 7.79 8.75 -16.64
N HIS B 106 7.27 8.57 -17.85
CA HIS B 106 6.31 7.52 -18.13
C HIS B 106 6.65 6.88 -19.47
N GLU B 107 7.04 5.60 -19.41
CA GLU B 107 7.30 4.80 -20.61
C GLU B 107 8.30 5.42 -21.59
N GLY B 108 9.31 6.10 -21.05
CA GLY B 108 10.29 6.79 -21.87
C GLY B 108 10.10 8.30 -21.82
N SER B 109 8.87 8.76 -22.06
CA SER B 109 8.55 10.19 -22.11
C SER B 109 8.90 10.96 -20.83
N THR B 110 9.33 12.22 -20.98
CA THR B 110 9.68 13.07 -19.84
C THR B 110 8.95 14.42 -19.90
N VAL B 111 7.76 14.45 -19.30
CA VAL B 111 7.01 15.68 -19.17
C VAL B 111 7.59 16.47 -17.99
N GLU B 112 7.49 17.80 -18.05
CA GLU B 112 8.07 18.67 -17.05
C GLU B 112 7.25 19.95 -16.86
N LYS B 113 6.91 20.24 -15.60
CA LYS B 113 6.19 21.46 -15.25
C LYS B 113 7.01 22.31 -14.27
N THR B 114 7.08 23.63 -14.54
CA THR B 114 7.91 24.56 -13.76
C THR B 114 7.08 25.75 -13.27
N VAL B 115 7.28 26.15 -12.00
CA VAL B 115 6.66 27.38 -11.48
C VAL B 115 7.58 28.19 -10.55
N ALA B 116 7.36 29.51 -10.52
CA ALA B 116 8.15 30.46 -9.70
C ALA B 116 7.21 31.57 -9.15
N PRO B 117 7.61 32.20 -8.00
CA PRO B 117 6.82 33.29 -7.36
C PRO B 117 6.63 34.55 -8.24
N GLU C 1 -17.79 -20.00 4.62
CA GLU C 1 -17.57 -21.24 5.40
C GLU C 1 -16.37 -21.10 6.33
N VAL C 2 -15.18 -21.37 5.81
CA VAL C 2 -13.98 -21.28 6.63
C VAL C 2 -13.48 -19.84 6.63
N GLN C 3 -13.48 -19.18 7.79
CA GLN C 3 -13.04 -17.77 7.82
C GLN C 3 -12.36 -17.30 9.10
N LEU C 4 -11.57 -16.25 8.98
CA LEU C 4 -10.91 -15.63 10.12
C LEU C 4 -11.29 -14.17 10.15
N VAL C 5 -11.93 -13.74 11.22
CA VAL C 5 -12.39 -12.37 11.30
C VAL C 5 -11.59 -11.62 12.33
N GLN C 6 -11.20 -10.40 11.99
CA GLN C 6 -10.34 -9.61 12.85
C GLN C 6 -11.05 -8.43 13.45
N SER C 7 -10.57 -7.96 14.60
CA SER C 7 -11.18 -6.77 15.22
C SER C 7 -11.09 -5.52 14.34
N GLY C 8 -11.72 -4.44 14.78
CA GLY C 8 -11.80 -3.18 14.03
C GLY C 8 -10.50 -2.41 14.02
N ALA C 9 -10.46 -1.35 13.23
CA ALA C 9 -9.30 -0.46 13.14
C ALA C 9 -8.98 0.27 14.46
N GLU C 10 -7.75 0.79 14.54
CA GLU C 10 -7.23 1.32 15.78
C GLU C 10 -6.40 2.58 15.57
N VAL C 11 -6.58 3.53 16.48
CA VAL C 11 -5.85 4.79 16.46
C VAL C 11 -5.39 5.04 17.88
N LYS C 12 -4.08 5.18 18.04
CA LYS C 12 -3.53 5.22 19.39
C LYS C 12 -2.32 6.15 19.41
N LYS C 13 -1.98 6.65 20.61
CA LYS C 13 -0.77 7.47 20.80
C LYS C 13 0.39 6.60 21.27
N PRO C 14 1.63 6.98 20.92
CA PRO C 14 2.79 6.21 21.34
C PRO C 14 2.75 5.94 22.84
N GLY C 15 3.26 4.78 23.25
CA GLY C 15 3.27 4.41 24.68
C GLY C 15 2.01 3.76 25.21
N GLU C 16 0.90 3.88 24.47
CA GLU C 16 -0.33 3.16 24.81
C GLU C 16 -0.17 1.64 24.57
N SER C 17 -1.07 0.85 25.16
CA SER C 17 -1.04 -0.60 24.99
C SER C 17 -2.20 -1.03 24.13
N LEU C 18 -2.02 -2.10 23.36
CA LEU C 18 -3.05 -2.49 22.42
C LEU C 18 -3.21 -3.99 22.34
N LYS C 19 -4.47 -4.41 22.16
CA LYS C 19 -4.79 -5.82 21.98
C LYS C 19 -5.86 -5.98 20.91
N ILE C 20 -5.48 -6.61 19.79
CA ILE C 20 -6.39 -6.88 18.67
C ILE C 20 -6.64 -8.38 18.66
N SER C 21 -7.69 -8.82 17.96
CA SER C 21 -8.12 -10.21 18.03
C SER C 21 -8.44 -10.78 16.66
N CYS C 22 -8.44 -12.10 16.56
CA CYS C 22 -8.69 -12.76 15.30
C CYS C 22 -9.48 -14.03 15.57
N LYS C 23 -10.78 -13.98 15.31
CA LYS C 23 -11.64 -15.13 15.63
C LYS C 23 -11.90 -15.96 14.40
N GLY C 24 -11.80 -17.26 14.58
CA GLY C 24 -11.96 -18.19 13.48
C GLY C 24 -13.24 -18.96 13.60
N SER C 25 -13.76 -19.39 12.45
CA SER C 25 -15.00 -20.16 12.38
C SER C 25 -14.99 -21.04 11.15
N GLY C 26 -15.77 -22.11 11.21
CA GLY C 26 -15.95 -23.01 10.06
C GLY C 26 -15.01 -24.18 10.00
N TYR C 27 -14.18 -24.34 11.03
CA TYR C 27 -13.18 -25.41 11.03
C TYR C 27 -12.71 -25.69 12.45
N SER C 28 -11.84 -26.69 12.62
CA SER C 28 -11.32 -27.08 13.95
C SER C 28 -10.18 -26.16 14.37
N PHE C 29 -10.54 -25.09 15.06
CA PHE C 29 -9.58 -24.08 15.47
C PHE C 29 -8.31 -24.64 16.13
N THR C 30 -8.49 -25.50 17.11
CA THR C 30 -7.37 -26.05 17.85
C THR C 30 -6.46 -26.96 16.99
N SER C 31 -6.80 -27.14 15.72
CA SER C 31 -6.08 -28.09 14.86
C SER C 31 -5.11 -27.45 13.87
N TYR C 32 -5.09 -26.13 13.80
CA TYR C 32 -4.31 -25.46 12.80
C TYR C 32 -3.53 -24.32 13.44
N TRP C 33 -2.30 -24.10 12.99
CA TRP C 33 -1.52 -22.98 13.49
C TRP C 33 -2.11 -21.64 13.03
N ILE C 34 -2.02 -20.60 13.86
CA ILE C 34 -2.50 -19.30 13.43
C ILE C 34 -1.37 -18.31 13.53
N GLY C 35 -0.98 -17.73 12.41
CA GLY C 35 0.10 -16.75 12.43
C GLY C 35 -0.36 -15.31 12.35
N TRP C 36 0.56 -14.39 12.60
CA TRP C 36 0.30 -12.97 12.43
C TRP C 36 1.32 -12.39 11.49
N VAL C 37 0.83 -11.70 10.47
CA VAL C 37 1.67 -11.06 9.45
C VAL C 37 1.46 -9.55 9.49
N ARG C 38 2.56 -8.80 9.51
CA ARG C 38 2.51 -7.32 9.50
C ARG C 38 2.76 -6.81 8.11
N GLN C 39 2.00 -5.79 7.71
CA GLN C 39 2.24 -5.14 6.43
C GLN C 39 2.18 -3.64 6.57
N MET C 40 3.34 -3.02 6.68
CA MET C 40 3.47 -1.56 6.73
C MET C 40 3.01 -0.89 5.45
N PRO C 41 2.61 0.39 5.53
CA PRO C 41 2.02 1.04 4.35
C PRO C 41 3.01 1.06 3.18
N GLY C 42 2.61 0.48 2.05
CA GLY C 42 3.41 0.51 0.83
C GLY C 42 4.52 -0.53 0.83
N LYS C 43 4.43 -1.52 1.70
CA LYS C 43 5.46 -2.55 1.84
C LYS C 43 4.91 -3.96 1.72
N GLY C 44 5.81 -4.93 1.78
CA GLY C 44 5.48 -6.35 1.70
C GLY C 44 5.12 -7.01 3.04
N LEU C 45 4.92 -8.32 3.00
CA LEU C 45 4.49 -9.07 4.16
C LEU C 45 5.61 -9.53 5.09
N GLU C 46 5.33 -9.48 6.39
CA GLU C 46 6.28 -9.86 7.43
C GLU C 46 5.68 -10.84 8.41
N TRP C 47 6.28 -12.02 8.46
CA TRP C 47 5.88 -13.04 9.41
C TRP C 47 6.27 -12.58 10.78
N MET C 48 5.29 -12.49 11.67
CA MET C 48 5.58 -12.00 13.01
C MET C 48 5.74 -13.14 14.01
N GLY C 49 4.74 -14.01 14.06
CA GLY C 49 4.74 -15.09 15.04
C GLY C 49 3.73 -16.14 14.69
N ILE C 50 3.66 -17.19 15.48
CA ILE C 50 2.72 -18.25 15.18
C ILE C 50 2.28 -18.89 16.49
N ILE C 51 1.03 -19.34 16.53
CA ILE C 51 0.51 -20.01 17.72
C ILE C 51 -0.39 -21.18 17.39
N TYR C 52 -0.27 -22.23 18.20
CA TYR C 52 -1.06 -23.44 18.04
C TYR C 52 -2.16 -23.49 19.09
N PRO C 53 -3.38 -23.10 18.71
CA PRO C 53 -4.48 -22.98 19.68
C PRO C 53 -4.76 -24.25 20.52
N GLY C 54 -4.26 -25.39 20.08
CA GLY C 54 -4.51 -26.63 20.79
C GLY C 54 -3.92 -26.59 22.17
N ASP C 55 -2.67 -26.12 22.26
CA ASP C 55 -1.92 -26.04 23.52
C ASP C 55 -1.33 -24.66 23.77
N SER C 56 -1.42 -23.79 22.76
CA SER C 56 -0.87 -22.45 22.78
C SER C 56 0.64 -22.38 22.63
N ASP C 57 1.26 -23.44 22.11
CA ASP C 57 2.67 -23.30 21.67
C ASP C 57 2.72 -21.99 20.90
N THR C 58 3.55 -21.06 21.37
CA THR C 58 3.73 -19.78 20.70
C THR C 58 5.19 -19.61 20.26
N ARG C 59 5.40 -19.12 19.04
CA ARG C 59 6.76 -18.86 18.50
C ARG C 59 6.79 -17.50 17.85
N TYR C 60 7.98 -16.89 17.82
CA TYR C 60 8.13 -15.53 17.31
C TYR C 60 9.29 -15.40 16.33
N SER C 61 9.17 -14.43 15.44
CA SER C 61 10.21 -14.13 14.47
C SER C 61 11.27 -13.26 15.13
N PRO C 62 12.55 -13.47 14.75
CA PRO C 62 13.71 -12.84 15.38
C PRO C 62 13.55 -11.35 15.62
N SER C 63 13.02 -10.62 14.65
CA SER C 63 12.86 -9.18 14.79
C SER C 63 11.50 -8.81 15.37
N PHE C 64 10.85 -9.76 16.05
CA PHE C 64 9.57 -9.47 16.68
C PHE C 64 9.52 -10.00 18.11
N GLN C 65 10.49 -10.85 18.46
CA GLN C 65 10.53 -11.40 19.81
C GLN C 65 10.74 -10.27 20.80
N GLY C 66 9.93 -10.28 21.87
CA GLY C 66 10.01 -9.25 22.90
C GLY C 66 9.34 -7.94 22.52
N GLN C 67 8.80 -7.85 21.31
CA GLN C 67 8.13 -6.63 20.88
C GLN C 67 6.62 -6.79 20.98
N VAL C 68 6.16 -8.02 20.81
CA VAL C 68 4.72 -8.29 20.76
C VAL C 68 4.43 -9.55 21.52
N THR C 69 3.15 -9.80 21.77
CA THR C 69 2.74 -11.00 22.49
C THR C 69 1.54 -11.66 21.85
N ILE C 70 1.74 -12.89 21.37
CA ILE C 70 0.69 -13.66 20.71
C ILE C 70 0.02 -14.63 21.70
N SER C 71 -1.30 -14.77 21.64
CA SER C 71 -1.97 -15.70 22.54
C SER C 71 -3.25 -16.26 21.92
N ALA C 72 -3.93 -17.16 22.63
CA ALA C 72 -5.15 -17.79 22.12
C ALA C 72 -6.07 -18.38 23.20
N ASP C 73 -7.38 -18.13 23.03
CA ASP C 73 -8.47 -18.68 23.82
C ASP C 73 -9.20 -19.79 23.02
N LYS C 74 -8.86 -21.06 23.25
CA LYS C 74 -9.53 -22.18 22.57
C LYS C 74 -11.06 -22.06 22.62
N SER C 75 -11.57 -21.89 23.85
CA SER C 75 -13.01 -21.86 24.08
C SER C 75 -13.76 -20.90 23.15
N ILE C 76 -13.21 -19.72 22.88
CA ILE C 76 -13.92 -18.76 22.02
C ILE C 76 -13.29 -18.69 20.62
N SER C 77 -12.58 -19.75 20.24
CA SER C 77 -11.85 -19.79 18.97
C SER C 77 -11.26 -18.44 18.58
N THR C 78 -10.43 -17.88 19.45
CA THR C 78 -9.87 -16.56 19.17
C THR C 78 -8.36 -16.49 19.42
N ALA C 79 -7.64 -15.87 18.48
CA ALA C 79 -6.20 -15.67 18.61
C ALA C 79 -5.98 -14.19 18.86
N TYR C 80 -4.82 -13.84 19.40
CA TYR C 80 -4.59 -12.45 19.81
C TYR C 80 -3.16 -12.01 19.59
N LEU C 81 -3.02 -10.76 19.21
CA LEU C 81 -1.73 -10.12 19.13
C LEU C 81 -1.85 -8.92 20.06
N GLN C 82 -0.75 -8.47 20.65
CA GLN C 82 -0.83 -7.46 21.69
C GLN C 82 0.48 -6.72 21.88
N TRP C 83 0.37 -5.40 22.01
CA TRP C 83 1.52 -4.57 22.32
C TRP C 83 1.46 -4.05 23.76
N SER C 84 2.64 -3.87 24.37
CA SER C 84 2.71 -3.23 25.69
C SER C 84 2.80 -1.73 25.55
N SER C 85 3.79 -1.26 24.77
CA SER C 85 4.02 0.16 24.55
C SER C 85 4.12 0.46 23.05
N LEU C 86 3.06 1.04 22.49
CA LEU C 86 3.04 1.30 21.05
C LEU C 86 4.05 2.34 20.65
N LYS C 87 4.53 2.20 19.43
CA LYS C 87 5.56 3.08 18.89
C LYS C 87 5.07 3.59 17.54
N ALA C 88 5.49 4.79 17.15
CA ALA C 88 5.10 5.35 15.86
C ALA C 88 5.31 4.34 14.71
N SER C 89 6.43 3.62 14.76
CA SER C 89 6.81 2.70 13.70
C SER C 89 5.93 1.45 13.63
N ASP C 90 5.06 1.26 14.61
CA ASP C 90 4.20 0.08 14.65
C ASP C 90 3.01 0.25 13.74
N THR C 91 2.87 1.48 13.22
CA THR C 91 1.79 1.82 12.33
C THR C 91 1.91 0.97 11.09
N ALA C 92 0.91 0.12 10.88
CA ALA C 92 0.88 -0.82 9.76
C ALA C 92 -0.44 -1.54 9.85
N MET C 93 -0.68 -2.44 8.89
CA MET C 93 -1.82 -3.32 8.90
C MET C 93 -1.36 -4.61 9.48
N TYR C 94 -2.27 -5.31 10.15
CA TYR C 94 -1.89 -6.57 10.76
C TYR C 94 -2.86 -7.67 10.35
N TYR C 95 -2.31 -8.79 9.85
CA TYR C 95 -3.13 -9.92 9.36
C TYR C 95 -2.89 -11.12 10.21
N CYS C 96 -3.95 -11.91 10.45
CA CYS C 96 -3.74 -13.26 11.01
C CYS C 96 -4.14 -14.20 9.91
N ALA C 97 -3.59 -15.40 9.91
CA ALA C 97 -3.88 -16.36 8.87
C ALA C 97 -3.73 -17.76 9.41
N ARG C 98 -4.42 -18.71 8.79
CA ARG C 98 -4.38 -20.10 9.21
C ARG C 98 -3.34 -20.83 8.39
N HIS C 99 -2.55 -21.71 9.01
CA HIS C 99 -1.66 -22.63 8.25
C HIS C 99 -2.44 -23.79 7.70
N TYR C 100 -1.95 -24.40 6.63
CA TYR C 100 -2.64 -25.52 6.01
C TYR C 100 -1.91 -26.84 6.23
N TYR C 101 -2.26 -27.85 5.44
CA TYR C 101 -1.58 -29.16 5.48
C TYR C 101 -0.08 -28.92 5.27
N TYR C 102 0.22 -28.10 4.25
CA TYR C 102 1.56 -27.58 3.92
C TYR C 102 1.87 -26.60 5.02
N TYR C 103 1.83 -27.15 6.22
CA TYR C 103 1.96 -26.42 7.48
C TYR C 103 2.77 -25.13 7.42
N TYR C 104 3.42 -24.84 6.28
CA TYR C 104 4.13 -23.56 6.12
C TYR C 104 3.56 -22.60 5.04
N GLY C 105 2.26 -22.75 4.76
CA GLY C 105 1.52 -21.86 3.88
C GLY C 105 0.22 -21.39 4.54
N MET C 106 0.00 -20.09 4.52
CA MET C 106 -1.18 -19.50 5.14
C MET C 106 -2.32 -19.49 4.13
N ASP C 107 -3.20 -20.47 4.19
CA ASP C 107 -4.27 -20.64 3.18
C ASP C 107 -5.53 -19.82 3.42
N VAL C 108 -5.79 -19.42 4.67
CA VAL C 108 -6.93 -18.58 4.97
C VAL C 108 -6.47 -17.31 5.69
N TRP C 109 -6.91 -16.16 5.23
CA TRP C 109 -6.40 -14.87 5.72
C TRP C 109 -7.50 -14.03 6.33
N GLY C 110 -7.28 -13.52 7.54
CA GLY C 110 -8.26 -12.64 8.15
C GLY C 110 -8.33 -11.46 7.21
N GLN C 111 -9.25 -10.52 7.43
CA GLN C 111 -9.38 -9.38 6.51
C GLN C 111 -8.41 -8.22 6.84
N GLY C 112 -7.71 -8.32 7.96
CA GLY C 112 -6.78 -7.28 8.37
C GLY C 112 -7.34 -6.35 9.43
N THR C 113 -6.43 -5.72 10.18
CA THR C 113 -6.75 -4.74 11.20
C THR C 113 -5.67 -3.70 11.11
N THR C 114 -6.05 -2.49 10.74
CA THR C 114 -5.04 -1.45 10.57
C THR C 114 -4.86 -0.78 11.90
N VAL C 115 -3.64 -0.40 12.21
CA VAL C 115 -3.37 0.31 13.46
C VAL C 115 -2.49 1.52 13.14
N THR C 116 -2.94 2.67 13.62
CA THR C 116 -2.25 3.92 13.35
C THR C 116 -1.81 4.45 14.69
N VAL C 117 -0.51 4.74 14.77
CA VAL C 117 0.09 5.30 15.97
C VAL C 117 0.74 6.66 15.64
N SER C 118 0.06 7.74 16.00
CA SER C 118 0.61 9.10 15.81
C SER C 118 0.79 9.85 17.13
N SER C 119 1.92 10.58 17.23
CA SER C 119 2.24 11.42 18.39
C SER C 119 1.20 12.51 18.53
N TRP C 120 0.71 12.98 17.39
CA TRP C 120 -0.41 13.93 17.32
C TRP C 120 -1.74 13.29 17.74
N SER C 121 -2.77 14.16 17.91
CA SER C 121 -4.07 13.67 18.30
C SER C 121 -5.05 13.82 17.15
N ALA C 122 -6.14 13.06 17.21
CA ALA C 122 -7.18 13.11 16.18
C ALA C 122 -7.74 14.54 16.07
N SER C 123 -7.87 15.02 14.82
CA SER C 123 -8.35 16.39 14.59
C SER C 123 -9.08 16.56 13.26
N ALA C 124 -9.81 17.66 13.15
CA ALA C 124 -10.45 18.08 11.92
C ALA C 124 -9.37 18.58 10.94
N PRO C 125 -9.60 18.41 9.64
CA PRO C 125 -8.63 18.84 8.63
C PRO C 125 -8.58 20.35 8.48
N THR C 126 -7.46 20.83 7.92
CA THR C 126 -7.28 22.23 7.56
C THR C 126 -7.28 22.32 6.04
N LEU C 127 -7.78 23.44 5.52
CA LEU C 127 -7.95 23.61 4.06
C LEU C 127 -7.12 24.75 3.48
N PHE C 128 -6.92 24.72 2.17
CA PHE C 128 -6.13 25.73 1.47
C PHE C 128 -6.17 25.54 -0.05
N PRO C 129 -6.28 26.67 -0.81
CA PRO C 129 -6.32 26.67 -2.28
C PRO C 129 -4.98 26.32 -2.96
N LEU C 130 -5.04 25.95 -4.24
CA LEU C 130 -3.83 25.64 -5.01
C LEU C 130 -3.84 26.33 -6.36
N VAL C 131 -3.24 27.54 -6.40
CA VAL C 131 -3.17 28.32 -7.63
C VAL C 131 -1.70 28.61 -7.98
N SER C 132 -1.49 29.02 -9.25
CA SER C 132 -0.17 29.45 -9.73
C SER C 132 -0.30 30.78 -10.47
N CYS C 133 -0.71 30.69 -11.74
CA CYS C 133 -0.87 31.85 -12.64
C CYS C 133 0.41 32.68 -12.76
N VAL C 143 -4.32 25.61 -17.72
CA VAL C 143 -3.98 25.53 -16.24
C VAL C 143 -5.27 25.32 -15.41
N ALA C 144 -5.16 24.46 -14.39
CA ALA C 144 -6.28 24.19 -13.48
C ALA C 144 -5.99 24.78 -12.10
N VAL C 145 -6.86 24.47 -11.13
CA VAL C 145 -6.72 24.93 -9.74
C VAL C 145 -7.23 23.88 -8.75
N GLY C 146 -6.47 23.66 -7.66
CA GLY C 146 -6.86 22.69 -6.64
C GLY C 146 -7.09 23.26 -5.24
N CYS C 147 -7.46 22.38 -4.32
CA CYS C 147 -7.68 22.72 -2.92
C CYS C 147 -7.33 21.50 -2.06
N LEU C 148 -6.36 21.68 -1.15
CA LEU C 148 -5.85 20.55 -0.37
C LEU C 148 -6.41 20.47 1.05
N ALA C 149 -6.08 19.37 1.74
CA ALA C 149 -6.41 19.17 3.14
C ALA C 149 -5.17 18.67 3.88
N GLN C 150 -4.92 19.21 5.06
CA GLN C 150 -3.75 18.85 5.86
C GLN C 150 -4.07 18.81 7.36
N ASP C 151 -3.22 18.12 8.13
CA ASP C 151 -3.34 18.02 9.59
C ASP C 151 -4.70 17.48 9.97
N PHE C 152 -4.85 16.15 9.87
CA PHE C 152 -6.07 15.49 10.33
C PHE C 152 -5.87 14.00 10.62
N LEU C 153 -6.70 13.47 11.51
CA LEU C 153 -6.64 12.08 11.90
C LEU C 153 -8.01 11.63 12.39
N PRO C 154 -8.45 10.42 12.00
CA PRO C 154 -7.77 9.45 11.12
C PRO C 154 -8.02 9.72 9.63
N ASP C 155 -7.47 8.84 8.78
CA ASP C 155 -7.75 8.89 7.35
C ASP C 155 -9.20 8.47 7.06
N SER C 156 -10.07 9.46 7.04
CA SER C 156 -11.48 9.21 6.75
C SER C 156 -12.13 10.48 6.21
N ILE C 157 -11.45 11.11 5.25
CA ILE C 157 -11.92 12.36 4.66
C ILE C 157 -12.66 12.13 3.35
N THR C 158 -13.39 13.16 2.92
CA THR C 158 -14.05 13.16 1.61
C THR C 158 -14.29 14.59 1.12
N PHE C 159 -13.76 14.89 -0.06
CA PHE C 159 -13.82 16.22 -0.67
C PHE C 159 -15.18 16.52 -1.32
N SER C 160 -15.42 17.83 -1.52
CA SER C 160 -16.59 18.34 -2.27
C SER C 160 -16.36 19.79 -2.67
N TRP C 161 -16.67 20.10 -3.92
CA TRP C 161 -16.51 21.45 -4.43
C TRP C 161 -17.88 22.11 -4.65
N LYS C 162 -17.82 23.42 -4.97
CA LYS C 162 -19.02 24.22 -5.19
C LYS C 162 -18.60 25.55 -5.80
N TYR C 163 -19.39 26.03 -6.77
CA TYR C 163 -19.17 27.34 -7.40
C TYR C 163 -19.37 28.47 -6.38
N LYS C 164 -19.13 29.72 -6.79
CA LYS C 164 -19.45 30.88 -5.95
C LYS C 164 -20.93 30.84 -5.55
N ASN C 165 -21.81 30.62 -6.55
CA ASN C 165 -23.21 30.32 -6.27
C ASN C 165 -23.37 28.86 -5.82
N ASN C 166 -24.51 28.61 -5.13
CA ASN C 166 -24.78 27.29 -4.57
C ASN C 166 -25.11 26.25 -5.66
N SER C 167 -24.05 25.59 -6.16
CA SER C 167 -24.19 24.58 -7.22
C SER C 167 -23.07 23.54 -7.22
N ASP C 168 -23.41 22.31 -7.61
CA ASP C 168 -22.50 21.16 -7.58
C ASP C 168 -21.48 21.18 -8.73
N ILE C 169 -20.37 20.45 -8.54
CA ILE C 169 -19.36 20.23 -9.59
C ILE C 169 -19.03 18.74 -9.71
N SER C 170 -19.00 18.23 -10.94
CA SER C 170 -18.56 16.86 -11.19
C SER C 170 -17.21 16.81 -11.93
N SER C 171 -16.64 17.99 -12.20
CA SER C 171 -15.32 18.15 -12.83
C SER C 171 -14.17 17.98 -11.79
N THR C 172 -14.30 16.96 -10.95
CA THR C 172 -13.45 16.77 -9.77
C THR C 172 -13.08 15.30 -9.54
N ARG C 173 -11.90 15.10 -8.93
CA ARG C 173 -11.39 13.77 -8.57
C ARG C 173 -10.56 13.88 -7.32
N GLY C 174 -10.49 12.78 -6.56
CA GLY C 174 -9.70 12.74 -5.33
C GLY C 174 -8.41 11.93 -5.44
N PHE C 175 -7.37 12.43 -4.77
CA PHE C 175 -6.07 11.77 -4.77
C PHE C 175 -5.79 11.19 -3.39
N PRO C 176 -5.11 10.03 -3.32
CA PRO C 176 -4.82 9.31 -2.08
C PRO C 176 -4.22 10.19 -0.98
N SER C 177 -4.27 9.73 0.26
CA SER C 177 -3.77 10.52 1.37
C SER C 177 -2.34 10.14 1.81
N VAL C 178 -1.61 11.12 2.34
CA VAL C 178 -0.23 10.93 2.78
C VAL C 178 -0.01 11.17 4.28
N LEU C 179 0.68 10.24 4.91
CA LEU C 179 1.02 10.32 6.34
C LEU C 179 2.36 11.03 6.53
N ARG C 180 2.32 12.21 7.14
CA ARG C 180 3.51 13.02 7.35
C ARG C 180 3.46 13.67 8.72
N GLY C 181 4.52 13.45 9.51
CA GLY C 181 4.64 14.00 10.86
C GLY C 181 3.59 13.55 11.87
N GLY C 182 2.83 12.50 11.52
CA GLY C 182 1.76 11.98 12.38
C GLY C 182 0.35 12.32 11.92
N LYS C 183 0.25 13.20 10.92
CA LYS C 183 -1.04 13.61 10.38
C LYS C 183 -1.16 13.21 8.92
N TYR C 184 -2.38 13.26 8.39
CA TYR C 184 -2.60 12.95 6.98
C TYR C 184 -2.81 14.21 6.13
N ALA C 185 -2.85 14.01 4.81
CA ALA C 185 -3.12 15.08 3.83
C ALA C 185 -3.58 14.50 2.49
N ALA C 186 -4.32 15.29 1.72
CA ALA C 186 -4.64 14.90 0.34
C ALA C 186 -5.12 16.14 -0.41
N THR C 187 -5.33 16.02 -1.72
CA THR C 187 -5.84 17.12 -2.53
C THR C 187 -7.09 16.75 -3.34
N SER C 188 -7.53 17.69 -4.17
CA SER C 188 -8.66 17.51 -5.10
C SER C 188 -8.68 18.75 -6.00
N GLN C 189 -8.67 18.53 -7.32
CA GLN C 189 -8.58 19.67 -8.25
C GLN C 189 -9.70 19.75 -9.30
N VAL C 190 -10.19 21.03 -9.48
CA VAL C 190 -11.19 21.28 -10.51
C VAL C 190 -10.52 21.84 -11.75
N LEU C 191 -11.02 21.40 -12.90
CA LEU C 191 -10.62 21.95 -14.18
C LEU C 191 -11.82 22.67 -14.75
N LEU C 192 -11.55 23.84 -15.35
CA LEU C 192 -12.61 24.69 -15.86
C LEU C 192 -12.24 25.37 -17.19
N PRO C 193 -13.25 25.76 -17.99
CA PRO C 193 -13.00 26.49 -19.24
C PRO C 193 -12.22 27.79 -19.01
N SER C 194 -11.21 28.01 -19.85
CA SER C 194 -10.37 29.21 -19.78
C SER C 194 -11.18 30.50 -19.93
N LYS C 195 -12.06 30.53 -20.93
CA LYS C 195 -12.89 31.70 -21.23
C LYS C 195 -13.75 32.14 -20.04
N ASP C 196 -13.17 33.04 -19.22
CA ASP C 196 -13.84 33.58 -18.04
C ASP C 196 -13.49 35.05 -17.83
N VAL C 197 -12.38 35.30 -17.12
CA VAL C 197 -11.94 36.66 -16.76
C VAL C 197 -11.28 37.38 -17.94
N THR C 201 -15.83 36.86 -15.07
CA THR C 201 -17.18 36.27 -14.64
C THR C 201 -17.20 36.03 -13.12
N ASP C 202 -16.05 35.59 -12.55
CA ASP C 202 -16.02 35.14 -11.15
C ASP C 202 -14.69 35.40 -10.43
N GLU C 203 -14.69 35.12 -9.13
CA GLU C 203 -13.51 35.28 -8.26
C GLU C 203 -13.06 33.94 -7.66
N HIS C 204 -13.97 33.31 -6.93
CA HIS C 204 -13.67 32.12 -6.12
C HIS C 204 -14.61 30.95 -6.42
N VAL C 205 -14.34 29.80 -5.79
CA VAL C 205 -15.15 28.60 -5.95
C VAL C 205 -15.00 27.70 -4.71
N VAL C 206 -16.03 27.74 -3.85
CA VAL C 206 -16.07 27.02 -2.57
C VAL C 206 -15.43 25.61 -2.60
N CYS C 207 -14.70 25.27 -1.53
CA CYS C 207 -14.10 23.95 -1.36
C CYS C 207 -14.47 23.30 -0.02
N LYS C 208 -15.41 22.34 -0.06
CA LYS C 208 -15.95 21.71 1.16
C LYS C 208 -15.41 20.28 1.38
N VAL C 209 -15.18 19.92 2.66
CA VAL C 209 -14.72 18.56 3.01
C VAL C 209 -15.49 17.96 4.19
N GLN C 210 -15.45 16.63 4.29
CA GLN C 210 -16.07 15.91 5.40
C GLN C 210 -15.03 15.11 6.20
N HIS C 211 -15.21 15.08 7.52
CA HIS C 211 -14.31 14.37 8.43
C HIS C 211 -15.02 14.08 9.76
N PRO C 212 -14.75 12.89 10.35
CA PRO C 212 -15.25 12.51 11.68
C PRO C 212 -14.93 13.46 12.83
N ASN C 213 -13.99 14.39 12.63
CA ASN C 213 -13.57 15.30 13.69
C ASN C 213 -13.90 16.77 13.41
N GLY C 214 -14.67 16.97 12.34
CA GLY C 214 -15.08 18.32 11.95
C GLY C 214 -15.03 18.47 10.44
N ASN C 215 -16.08 19.08 9.89
CA ASN C 215 -16.19 19.30 8.45
C ASN C 215 -16.44 20.77 8.12
N LYS C 216 -15.48 21.40 7.45
CA LYS C 216 -15.62 22.83 7.09
C LYS C 216 -15.52 23.07 5.58
N GLU C 217 -16.19 24.12 5.11
CA GLU C 217 -16.04 24.61 3.73
C GLU C 217 -14.81 25.52 3.59
N LYS C 218 -14.77 26.30 2.52
CA LYS C 218 -13.72 27.29 2.22
C LYS C 218 -14.02 27.91 0.85
N ASN C 219 -13.10 28.73 0.35
CA ASN C 219 -13.24 29.29 -0.99
C ASN C 219 -11.97 29.02 -1.76
N VAL C 220 -12.05 29.15 -3.08
CA VAL C 220 -10.92 28.83 -3.94
C VAL C 220 -10.80 29.85 -5.08
N PRO C 221 -9.78 30.74 -4.98
CA PRO C 221 -9.53 31.82 -5.93
C PRO C 221 -9.00 31.31 -7.26
N LEU C 222 -9.73 31.58 -8.34
CA LEU C 222 -9.33 31.19 -9.70
C LEU C 222 -8.80 32.38 -10.49
N PRO C 223 -7.74 32.15 -11.31
CA PRO C 223 -7.18 33.21 -12.14
C PRO C 223 -8.17 33.65 -13.23
#